data_4D98
#
_entry.id   4D98
#
_cell.length_a   158.260
_cell.length_b   158.260
_cell.length_c   93.867
_cell.angle_alpha   90.000
_cell.angle_beta   90.000
_cell.angle_gamma   120.000
#
_symmetry.space_group_name_H-M   'H 3 2'
#
loop_
_entity.id
_entity.type
_entity.pdbx_description
1 polymer 'Purine nucleoside phosphorylase deoD-type'
2 non-polymer 'SULFATE ION'
3 non-polymer 'CHLORIDE ION'
4 non-polymer GLYCEROL
5 water water
#
_entity_poly.entity_id   1
_entity_poly.type   'polypeptide(L)'
_entity_poly.pdbx_seq_one_letter_code
;MGSSHHHHHHSSGLVPRGSHMSVHIGAEKGQIADTVLLPGDPLRAKFIAETYLENVECYNEVRGMYGFTGTYKGKKISVQ
GTGMGVPSISIYVNELIQSYDVQNLIRVGSCGAIRKDVKVRDVILAMTSSTDSQMNRVAFGSVDFAPCADFELLKNAYDA
AKDKGVPVTVGSVFTADQFYNDDSQIEKLAKYGVLGVEMETTALYTLAAKHGRKALSILTVSDHVLTGEETTAEERQTTF
HDMIDVALHSVSQ
;
_entity_poly.pdbx_strand_id   A,B
#
# COMPACT_ATOMS: atom_id res chain seq x y z
N SER A 22 12.68 2.58 13.07
CA SER A 22 11.89 2.11 11.89
C SER A 22 10.77 1.19 12.37
N VAL A 23 9.59 1.76 12.43
CA VAL A 23 8.40 1.06 12.83
C VAL A 23 8.10 -0.15 11.92
N HIS A 24 8.33 0.01 10.62
CA HIS A 24 7.86 -1.00 9.68
C HIS A 24 8.94 -1.87 9.06
N ILE A 25 10.20 -1.56 9.41
CA ILE A 25 11.34 -2.32 8.88
C ILE A 25 12.13 -2.79 10.10
N GLY A 26 12.26 -4.10 10.23
CA GLY A 26 12.88 -4.69 11.44
C GLY A 26 14.38 -4.94 11.29
N ALA A 27 15.10 -4.00 10.70
CA ALA A 27 16.52 -4.16 10.41
C ALA A 27 17.39 -3.48 11.48
N GLU A 28 18.57 -4.04 11.71
CA GLU A 28 19.62 -3.41 12.50
C GLU A 28 20.31 -2.39 11.60
N LYS A 29 20.82 -1.32 12.21
CA LYS A 29 21.69 -0.40 11.51
C LYS A 29 22.81 -1.18 10.80
N GLY A 30 23.09 -0.83 9.55
CA GLY A 30 24.12 -1.54 8.78
C GLY A 30 23.56 -2.60 7.82
N GLN A 31 22.35 -3.09 8.06
CA GLN A 31 21.86 -4.23 7.29
C GLN A 31 21.28 -3.86 5.92
N ILE A 32 20.99 -2.59 5.72
CA ILE A 32 20.48 -2.08 4.46
C ILE A 32 21.58 -1.28 3.73
N ALA A 33 21.73 -1.55 2.43
CA ALA A 33 22.73 -0.88 1.61
C ALA A 33 22.38 0.55 1.28
N ASP A 34 23.34 1.34 0.77
CA ASP A 34 23.09 2.73 0.33
CA ASP A 34 22.99 2.73 0.40
C ASP A 34 22.23 2.84 -0.92
N THR A 35 22.08 1.71 -1.62
CA THR A 35 21.32 1.67 -2.86
C THR A 35 20.25 0.59 -2.71
N VAL A 36 19.01 0.94 -3.00
CA VAL A 36 17.90 0.00 -2.83
CA VAL A 36 17.90 0.00 -2.82
C VAL A 36 17.01 -0.05 -4.07
N LEU A 37 16.72 -1.25 -4.51
CA LEU A 37 15.70 -1.44 -5.56
C LEU A 37 14.35 -1.64 -4.87
N LEU A 38 13.31 -1.09 -5.48
CA LEU A 38 11.99 -0.97 -4.83
C LEU A 38 10.87 -1.55 -5.69
N PRO A 39 10.74 -2.90 -5.68
CA PRO A 39 9.55 -3.45 -6.35
C PRO A 39 8.35 -3.29 -5.40
N GLY A 40 7.15 -3.30 -5.97
CA GLY A 40 5.95 -3.21 -5.15
C GLY A 40 5.67 -4.51 -4.41
N ASP A 41 5.96 -5.63 -5.06
CA ASP A 41 5.60 -6.97 -4.57
C ASP A 41 6.79 -7.55 -3.77
N PRO A 42 6.58 -7.83 -2.47
CA PRO A 42 7.70 -8.37 -1.66
C PRO A 42 8.19 -9.74 -2.14
N LEU A 43 7.37 -10.49 -2.86
CA LEU A 43 7.81 -11.75 -3.46
C LEU A 43 8.73 -11.54 -4.67
N ARG A 44 8.48 -10.44 -5.41
CA ARG A 44 9.42 -10.00 -6.45
C ARG A 44 10.72 -9.52 -5.81
N ALA A 45 10.65 -8.87 -4.66
CA ALA A 45 11.89 -8.50 -3.95
C ALA A 45 12.74 -9.73 -3.66
N LYS A 46 12.10 -10.77 -3.13
CA LYS A 46 12.77 -12.07 -2.87
C LYS A 46 13.38 -12.63 -4.16
N PHE A 47 12.59 -12.65 -5.23
CA PHE A 47 13.06 -13.16 -6.52
C PHE A 47 14.25 -12.38 -7.07
N ILE A 48 14.19 -11.05 -7.00
CA ILE A 48 15.29 -10.22 -7.47
C ILE A 48 16.55 -10.56 -6.67
N ALA A 49 16.42 -10.60 -5.34
CA ALA A 49 17.59 -10.76 -4.47
C ALA A 49 18.23 -12.12 -4.75
N GLU A 50 17.41 -13.16 -4.82
CA GLU A 50 17.95 -14.55 -4.98
C GLU A 50 18.52 -14.79 -6.38
N THR A 51 17.96 -14.09 -7.37
CA THR A 51 18.35 -14.29 -8.78
C THR A 51 19.61 -13.49 -9.16
N TYR A 52 19.81 -12.32 -8.52
CA TYR A 52 20.80 -11.37 -9.03
C TYR A 52 21.91 -11.07 -8.02
N LEU A 53 21.71 -11.40 -6.76
CA LEU A 53 22.69 -10.98 -5.74
C LEU A 53 23.35 -12.17 -5.03
N GLU A 54 24.59 -11.94 -4.59
CA GLU A 54 25.31 -12.93 -3.79
C GLU A 54 25.10 -12.67 -2.30
N ASN A 55 25.22 -13.76 -1.52
CA ASN A 55 25.26 -13.71 -0.07
C ASN A 55 24.09 -12.90 0.52
N VAL A 56 22.90 -13.34 0.13
CA VAL A 56 21.65 -12.64 0.45
C VAL A 56 21.23 -12.86 1.91
N GLU A 57 20.83 -11.81 2.59
CA GLU A 57 20.28 -11.91 3.95
C GLU A 57 18.95 -11.22 3.89
N CYS A 58 17.95 -11.78 4.59
CA CYS A 58 16.65 -11.10 4.75
C CYS A 58 16.71 -10.26 6.01
N TYR A 59 16.58 -8.96 5.88
CA TYR A 59 16.65 -8.08 7.04
C TYR A 59 15.28 -7.64 7.56
N ASN A 60 14.20 -7.96 6.82
CA ASN A 60 12.87 -7.56 7.30
C ASN A 60 11.80 -8.53 6.89
N GLU A 61 11.02 -8.92 7.88
CA GLU A 61 9.80 -9.73 7.69
C GLU A 61 8.54 -9.06 8.25
N VAL A 62 8.67 -7.86 8.83
CA VAL A 62 7.52 -7.15 9.39
C VAL A 62 6.45 -6.98 8.30
N ARG A 63 5.22 -7.39 8.64
CA ARG A 63 4.07 -7.34 7.73
C ARG A 63 4.28 -8.14 6.46
N GLY A 64 5.23 -9.06 6.47
CA GLY A 64 5.51 -9.81 5.26
C GLY A 64 6.04 -8.96 4.12
N MET A 65 6.50 -7.74 4.43
CA MET A 65 7.03 -6.85 3.44
C MET A 65 8.56 -6.99 3.34
N TYR A 66 8.96 -8.06 2.68
CA TYR A 66 10.35 -8.53 2.73
C TYR A 66 11.32 -7.56 2.14
N GLY A 67 12.46 -7.46 2.82
CA GLY A 67 13.60 -6.66 2.34
C GLY A 67 14.84 -7.55 2.47
N PHE A 68 15.72 -7.45 1.48
CA PHE A 68 16.90 -8.31 1.40
C PHE A 68 18.12 -7.48 1.07
N THR A 69 19.29 -7.94 1.50
CA THR A 69 20.55 -7.30 1.06
C THR A 69 21.54 -8.36 0.61
N GLY A 70 22.21 -8.08 -0.50
CA GLY A 70 23.25 -8.98 -1.05
C GLY A 70 24.22 -8.14 -1.85
N THR A 71 25.12 -8.77 -2.59
CA THR A 71 26.06 -8.01 -3.40
CA THR A 71 26.07 -8.02 -3.41
C THR A 71 25.85 -8.25 -4.91
N TYR A 72 26.04 -7.20 -5.69
CA TYR A 72 26.04 -7.30 -7.14
C TYR A 72 27.41 -6.84 -7.58
N LYS A 73 28.18 -7.73 -8.18
CA LYS A 73 29.60 -7.42 -8.57
C LYS A 73 30.37 -6.76 -7.45
N GLY A 74 30.15 -7.24 -6.23
CA GLY A 74 30.93 -6.80 -5.08
C GLY A 74 30.26 -5.70 -4.27
N LYS A 75 29.31 -5.01 -4.88
CA LYS A 75 28.69 -3.83 -4.27
C LYS A 75 27.42 -4.25 -3.51
N LYS A 76 27.27 -3.78 -2.27
CA LYS A 76 26.06 -4.08 -1.49
C LYS A 76 24.86 -3.39 -2.14
N ILE A 77 23.78 -4.14 -2.29
CA ILE A 77 22.55 -3.66 -2.90
C ILE A 77 21.41 -4.23 -2.03
N SER A 78 20.37 -3.44 -1.73
CA SER A 78 19.20 -3.94 -1.04
C SER A 78 18.00 -3.97 -1.98
N VAL A 79 17.02 -4.81 -1.66
CA VAL A 79 15.78 -4.91 -2.44
C VAL A 79 14.66 -4.97 -1.43
N GLN A 80 13.80 -3.93 -1.42
CA GLN A 80 12.76 -3.80 -0.42
C GLN A 80 11.39 -3.69 -1.08
N GLY A 81 10.49 -4.62 -0.76
CA GLY A 81 9.09 -4.49 -1.22
C GLY A 81 8.45 -3.25 -0.65
N THR A 82 7.66 -2.56 -1.47
CA THR A 82 7.03 -1.32 -0.98
C THR A 82 5.51 -1.40 -0.74
N GLY A 83 4.85 -2.42 -1.30
CA GLY A 83 3.39 -2.41 -1.32
C GLY A 83 2.93 -1.45 -2.39
N MET A 84 1.61 -1.32 -2.49
CA MET A 84 0.94 -0.58 -3.58
C MET A 84 0.37 0.73 -3.06
N GLY A 85 0.65 1.79 -3.79
CA GLY A 85 0.11 3.10 -3.53
C GLY A 85 1.03 4.03 -2.75
N VAL A 86 0.79 5.30 -2.96
CA VAL A 86 1.56 6.39 -2.33
C VAL A 86 1.74 6.20 -0.82
N PRO A 87 0.66 5.87 -0.07
CA PRO A 87 0.88 5.77 1.38
C PRO A 87 1.82 4.64 1.82
N SER A 88 1.73 3.50 1.15
CA SER A 88 2.53 2.35 1.47
C SER A 88 4.00 2.63 1.10
N ILE A 89 4.24 3.07 -0.14
CA ILE A 89 5.66 3.28 -0.50
C ILE A 89 6.25 4.41 0.37
N SER A 90 5.42 5.37 0.76
CA SER A 90 5.90 6.52 1.55
C SER A 90 6.46 6.07 2.89
N ILE A 91 5.80 5.10 3.49
CA ILE A 91 6.26 4.47 4.74
C ILE A 91 7.66 3.92 4.56
N TYR A 92 7.83 3.06 3.55
CA TYR A 92 9.10 2.34 3.34
C TYR A 92 10.21 3.27 2.92
N VAL A 93 9.92 4.20 2.01
CA VAL A 93 10.92 5.15 1.54
C VAL A 93 11.35 6.09 2.66
N ASN A 94 10.38 6.64 3.41
CA ASN A 94 10.74 7.52 4.54
C ASN A 94 11.66 6.77 5.49
N GLU A 95 11.31 5.52 5.82
CA GLU A 95 12.15 4.79 6.78
C GLU A 95 13.53 4.47 6.21
N LEU A 96 13.58 4.03 4.95
CA LEU A 96 14.88 3.81 4.29
C LEU A 96 15.77 5.07 4.29
N ILE A 97 15.19 6.22 3.92
CA ILE A 97 15.93 7.47 3.85
C ILE A 97 16.34 7.94 5.25
N GLN A 98 15.38 7.94 6.17
CA GLN A 98 15.56 8.69 7.43
C GLN A 98 16.25 7.88 8.52
N SER A 99 16.05 6.57 8.49
CA SER A 99 16.58 5.65 9.52
C SER A 99 17.78 4.86 9.06
N TYR A 100 17.90 4.64 7.75
CA TYR A 100 18.99 3.84 7.15
C TYR A 100 19.94 4.57 6.21
N ASP A 101 19.76 5.90 6.11
CA ASP A 101 20.61 6.81 5.31
CA ASP A 101 20.69 6.73 5.32
C ASP A 101 20.78 6.32 3.85
N VAL A 102 19.73 5.72 3.30
CA VAL A 102 19.79 5.29 1.93
C VAL A 102 19.92 6.46 0.95
N GLN A 103 20.81 6.28 -0.04
CA GLN A 103 21.22 7.33 -0.98
C GLN A 103 20.56 7.26 -2.37
N ASN A 104 20.40 6.03 -2.89
CA ASN A 104 19.88 5.81 -4.25
C ASN A 104 18.72 4.85 -4.15
N LEU A 105 17.59 5.26 -4.74
CA LEU A 105 16.37 4.49 -4.57
C LEU A 105 15.79 4.32 -5.95
N ILE A 106 15.69 3.07 -6.41
CA ILE A 106 15.23 2.81 -7.75
C ILE A 106 14.01 1.91 -7.73
N ARG A 107 12.84 2.48 -8.07
CA ARG A 107 11.64 1.65 -8.26
C ARG A 107 11.77 0.81 -9.53
N VAL A 108 11.43 -0.46 -9.39
CA VAL A 108 11.45 -1.45 -10.51
C VAL A 108 10.07 -2.07 -10.47
N GLY A 109 9.19 -1.67 -11.38
CA GLY A 109 7.80 -2.12 -11.24
C GLY A 109 7.12 -2.14 -12.57
N SER A 110 5.79 -2.19 -12.58
CA SER A 110 5.02 -2.21 -13.80
C SER A 110 4.07 -1.02 -13.85
N CYS A 111 3.65 -0.71 -15.07
CA CYS A 111 2.52 0.21 -15.27
C CYS A 111 1.56 -0.31 -16.34
N GLY A 112 0.36 0.27 -16.38
CA GLY A 112 -0.63 0.00 -17.44
C GLY A 112 -0.41 1.09 -18.47
N ALA A 113 -0.16 0.70 -19.73
CA ALA A 113 0.11 1.68 -20.78
C ALA A 113 -1.19 2.40 -21.15
N ILE A 114 -1.12 3.70 -21.40
CA ILE A 114 -2.34 4.44 -21.74
C ILE A 114 -2.34 5.11 -23.13
N ARG A 115 -1.16 5.13 -23.76
CA ARG A 115 -0.97 5.73 -25.09
CA ARG A 115 -1.04 5.70 -25.11
C ARG A 115 -0.84 4.61 -26.14
N LYS A 116 -1.50 4.78 -27.29
CA LYS A 116 -1.39 3.83 -28.40
C LYS A 116 0.03 3.57 -28.83
N ASP A 117 0.89 4.59 -28.80
CA ASP A 117 2.30 4.39 -29.19
C ASP A 117 3.19 3.71 -28.16
N VAL A 118 2.64 3.31 -27.01
CA VAL A 118 3.44 2.57 -26.04
C VAL A 118 3.12 1.11 -26.28
N LYS A 119 4.15 0.28 -26.51
CA LYS A 119 3.92 -1.18 -26.70
C LYS A 119 4.14 -1.92 -25.38
N VAL A 120 3.50 -3.08 -25.19
CA VAL A 120 3.73 -3.84 -23.93
C VAL A 120 5.17 -4.36 -23.75
N ARG A 121 5.96 -4.31 -24.81
CA ARG A 121 7.36 -4.77 -24.72
C ARG A 121 8.33 -3.63 -24.34
N ASP A 122 7.77 -2.43 -24.08
CA ASP A 122 8.56 -1.22 -23.82
C ASP A 122 8.97 -1.15 -22.34
N VAL A 123 10.13 -0.52 -22.09
CA VAL A 123 10.58 -0.24 -20.72
C VAL A 123 10.58 1.31 -20.63
N ILE A 124 10.00 1.84 -19.55
CA ILE A 124 9.79 3.30 -19.40
C ILE A 124 10.68 3.80 -18.28
N LEU A 125 11.41 4.87 -18.54
CA LEU A 125 12.14 5.58 -17.48
C LEU A 125 11.34 6.85 -17.24
N ALA A 126 10.81 6.97 -16.05
CA ALA A 126 9.94 8.13 -15.74
C ALA A 126 10.74 9.38 -15.41
N MET A 127 10.57 10.42 -16.21
CA MET A 127 11.19 11.72 -15.92
CA MET A 127 11.20 11.69 -15.92
C MET A 127 10.47 12.42 -14.79
N THR A 128 9.17 12.21 -14.73
CA THR A 128 8.30 12.90 -13.75
C THR A 128 7.01 12.09 -13.64
N SER A 129 6.10 12.50 -12.75
CA SER A 129 4.79 11.83 -12.66
C SER A 129 3.74 12.84 -12.24
N SER A 130 2.59 12.72 -12.88
CA SER A 130 1.34 13.34 -12.48
C SER A 130 0.72 12.46 -11.41
N THR A 131 -0.25 12.99 -10.67
CA THR A 131 -0.95 12.16 -9.66
C THR A 131 -2.36 12.70 -9.34
N ASP A 132 -3.20 11.83 -8.76
CA ASP A 132 -4.39 12.29 -8.04
C ASP A 132 -4.24 12.16 -6.54
N SER A 133 -3.04 11.78 -6.10
CA SER A 133 -2.76 11.80 -4.67
C SER A 133 -2.80 13.27 -4.18
N GLN A 134 -3.24 13.49 -2.94
CA GLN A 134 -3.21 14.85 -2.38
C GLN A 134 -1.91 15.13 -1.66
N MET A 135 -0.95 14.21 -1.68
CA MET A 135 0.22 14.39 -0.79
C MET A 135 0.94 15.71 -1.02
N ASN A 136 1.02 16.16 -2.27
CA ASN A 136 1.73 17.40 -2.52
C ASN A 136 0.87 18.64 -2.35
N ARG A 137 -0.45 18.52 -2.55
CA ARG A 137 -1.33 19.66 -2.16
C ARG A 137 -1.35 19.87 -0.65
N VAL A 138 -1.17 18.79 0.11
CA VAL A 138 -1.12 18.88 1.58
C VAL A 138 0.08 19.72 1.96
N ALA A 139 1.18 19.56 1.22
CA ALA A 139 2.41 20.28 1.51
C ALA A 139 2.39 21.67 0.95
N PHE A 140 1.87 21.82 -0.27
CA PHE A 140 2.01 23.05 -1.10
C PHE A 140 0.75 23.84 -1.40
N GLY A 141 -0.44 23.31 -1.09
CA GLY A 141 -1.65 24.06 -1.32
C GLY A 141 -1.90 24.38 -2.80
N SER A 142 -1.85 25.68 -3.11
CA SER A 142 -2.14 26.14 -4.47
CA SER A 142 -2.12 26.18 -4.44
C SER A 142 -1.02 25.82 -5.47
N VAL A 143 0.09 25.31 -5.00
CA VAL A 143 1.19 24.95 -5.92
C VAL A 143 1.01 23.52 -6.46
N ASP A 144 1.16 23.33 -7.76
CA ASP A 144 1.26 22.00 -8.37
C ASP A 144 2.76 21.65 -8.31
N PHE A 145 3.13 20.69 -7.47
CA PHE A 145 4.51 20.23 -7.43
C PHE A 145 4.76 19.13 -8.45
N ALA A 146 5.77 19.32 -9.28
CA ALA A 146 6.16 18.31 -10.28
C ALA A 146 7.38 17.54 -9.80
N PRO A 147 7.20 16.28 -9.40
CA PRO A 147 8.32 15.47 -8.91
C PRO A 147 9.29 15.22 -10.05
N CYS A 148 10.55 15.03 -9.76
CA CYS A 148 11.56 14.97 -10.82
C CYS A 148 12.53 13.85 -10.49
N ALA A 149 12.78 12.98 -11.47
CA ALA A 149 13.80 11.95 -11.32
C ALA A 149 15.17 12.60 -11.18
N ASP A 150 16.10 11.91 -10.53
CA ASP A 150 17.50 12.38 -10.57
C ASP A 150 18.07 12.18 -11.97
N PHE A 151 18.58 13.24 -12.57
CA PHE A 151 19.03 13.15 -13.97
C PHE A 151 20.26 12.24 -14.12
N GLU A 152 21.15 12.27 -13.13
CA GLU A 152 22.30 11.37 -13.22
C GLU A 152 21.87 9.90 -13.31
N LEU A 153 20.98 9.45 -12.44
CA LEU A 153 20.48 8.07 -12.46
C LEU A 153 19.72 7.81 -13.75
N LEU A 154 18.92 8.79 -14.18
CA LEU A 154 18.13 8.59 -15.39
C LEU A 154 19.04 8.43 -16.61
N LYS A 155 20.05 9.28 -16.72
CA LYS A 155 20.93 9.26 -17.88
CA LYS A 155 20.93 9.27 -17.88
C LYS A 155 21.78 7.99 -17.89
N ASN A 156 22.21 7.54 -16.70
CA ASN A 156 22.97 6.27 -16.57
C ASN A 156 22.08 5.11 -17.02
N ALA A 157 20.82 5.12 -16.57
CA ALA A 157 19.88 4.09 -17.01
C ALA A 157 19.63 4.08 -18.50
N TYR A 158 19.49 5.27 -19.07
CA TYR A 158 19.23 5.39 -20.48
C TYR A 158 20.41 4.81 -21.27
N ASP A 159 21.63 5.16 -20.84
CA ASP A 159 22.83 4.71 -21.55
C ASP A 159 22.96 3.20 -21.42
N ALA A 160 22.68 2.68 -20.22
CA ALA A 160 22.75 1.24 -19.96
C ALA A 160 21.72 0.50 -20.84
N ALA A 161 20.52 1.06 -20.94
CA ALA A 161 19.47 0.49 -21.79
C ALA A 161 19.87 0.45 -23.25
N LYS A 162 20.41 1.58 -23.73
CA LYS A 162 20.87 1.64 -25.13
C LYS A 162 22.04 0.67 -25.35
N ASP A 163 22.93 0.50 -24.36
CA ASP A 163 24.05 -0.41 -24.54
CA ASP A 163 24.07 -0.43 -24.42
C ASP A 163 23.65 -1.89 -24.64
N LYS A 164 22.50 -2.24 -24.05
CA LYS A 164 22.01 -3.60 -24.12
C LYS A 164 20.87 -3.76 -25.11
N GLY A 165 20.70 -2.79 -26.00
CA GLY A 165 19.59 -2.81 -26.97
C GLY A 165 18.21 -3.04 -26.39
N VAL A 166 17.94 -2.36 -25.28
CA VAL A 166 16.66 -2.45 -24.62
C VAL A 166 15.81 -1.30 -25.10
N PRO A 167 14.67 -1.59 -25.78
CA PRO A 167 13.72 -0.52 -26.18
C PRO A 167 13.30 0.25 -24.94
N VAL A 168 13.62 1.54 -24.91
CA VAL A 168 13.33 2.41 -23.77
CA VAL A 168 13.29 2.39 -23.77
C VAL A 168 12.58 3.66 -24.22
N THR A 169 11.58 4.08 -23.44
CA THR A 169 10.88 5.33 -23.68
C THR A 169 11.07 6.17 -22.42
N VAL A 170 11.41 7.45 -22.61
CA VAL A 170 11.58 8.36 -21.49
C VAL A 170 10.43 9.36 -21.50
N GLY A 171 9.72 9.48 -20.38
CA GLY A 171 8.55 10.40 -20.40
C GLY A 171 7.93 10.39 -19.03
N SER A 172 6.66 10.73 -18.96
CA SER A 172 6.03 10.81 -17.66
C SER A 172 4.98 9.70 -17.49
N VAL A 173 4.70 9.41 -16.23
CA VAL A 173 3.68 8.45 -15.83
C VAL A 173 2.67 9.15 -14.90
N PHE A 174 1.59 8.45 -14.61
CA PHE A 174 0.57 8.93 -13.70
C PHE A 174 0.53 8.00 -12.53
N THR A 175 0.67 8.59 -11.33
CA THR A 175 0.58 7.89 -10.07
C THR A 175 -0.83 7.97 -9.58
N ALA A 176 -1.54 6.84 -9.72
CA ALA A 176 -2.95 6.75 -9.29
C ALA A 176 -3.16 6.35 -7.85
N ASP A 177 -4.16 6.95 -7.19
CA ASP A 177 -4.61 6.42 -5.89
C ASP A 177 -5.63 5.30 -6.07
N GLN A 178 -6.38 5.34 -7.18
CA GLN A 178 -7.47 4.41 -7.39
C GLN A 178 -7.25 3.53 -8.63
N PHE A 179 -6.80 2.30 -8.40
CA PHE A 179 -6.63 1.33 -9.47
C PHE A 179 -7.95 1.14 -10.17
N TYR A 180 -9.04 1.12 -9.39
CA TYR A 180 -10.42 1.08 -9.92
C TYR A 180 -11.06 2.45 -9.73
N ASN A 181 -11.05 3.26 -10.79
CA ASN A 181 -11.48 4.66 -10.65
C ASN A 181 -12.64 5.01 -11.54
N ASP A 182 -13.77 5.29 -10.92
CA ASP A 182 -14.97 5.68 -11.66
C ASP A 182 -14.79 7.01 -12.34
N ASP A 183 -13.83 7.81 -11.89
CA ASP A 183 -13.60 9.17 -12.43
C ASP A 183 -12.24 9.33 -13.05
N SER A 184 -11.79 8.27 -13.70
CA SER A 184 -10.47 8.23 -14.32
C SER A 184 -10.32 9.28 -15.44
N GLN A 185 -9.19 9.98 -15.44
CA GLN A 185 -8.90 10.92 -16.51
C GLN A 185 -7.79 10.40 -17.41
N ILE A 186 -7.64 9.09 -17.53
CA ILE A 186 -6.57 8.58 -18.37
C ILE A 186 -6.67 8.99 -19.86
N GLU A 187 -7.87 9.15 -20.41
CA GLU A 187 -7.93 9.57 -21.81
C GLU A 187 -7.26 10.94 -22.00
N LYS A 188 -7.59 11.89 -21.14
CA LYS A 188 -7.00 13.22 -21.19
C LYS A 188 -5.52 13.16 -20.83
N LEU A 189 -5.15 12.36 -19.83
CA LEU A 189 -3.72 12.23 -19.51
C LEU A 189 -2.88 11.75 -20.70
N ALA A 190 -3.40 10.73 -21.39
CA ALA A 190 -2.72 10.19 -22.57
C ALA A 190 -2.61 11.27 -23.68
N LYS A 191 -3.68 12.04 -23.87
CA LYS A 191 -3.64 13.13 -24.84
C LYS A 191 -2.52 14.12 -24.46
N TYR A 192 -2.34 14.35 -23.16
CA TYR A 192 -1.26 15.23 -22.69
C TYR A 192 0.12 14.57 -22.66
N GLY A 193 0.21 13.36 -23.19
CA GLY A 193 1.50 12.70 -23.41
C GLY A 193 1.92 11.71 -22.34
N VAL A 194 1.09 11.50 -21.32
CA VAL A 194 1.45 10.60 -20.20
C VAL A 194 1.45 9.16 -20.71
N LEU A 195 2.49 8.38 -20.37
CA LEU A 195 2.71 7.05 -21.01
C LEU A 195 1.91 5.92 -20.42
N GLY A 196 1.71 5.99 -19.11
CA GLY A 196 1.18 4.83 -18.37
C GLY A 196 0.76 5.23 -16.97
N VAL A 197 0.08 4.30 -16.31
CA VAL A 197 -0.44 4.48 -14.95
CA VAL A 197 -0.44 4.46 -14.93
C VAL A 197 0.20 3.46 -13.99
N GLU A 198 0.66 3.96 -12.86
CA GLU A 198 1.19 3.10 -11.80
C GLU A 198 0.84 3.73 -10.48
N MET A 199 1.44 3.29 -9.36
CA MET A 199 0.86 3.71 -8.10
C MET A 199 1.88 4.18 -7.10
N GLU A 200 3.08 4.56 -7.54
CA GLU A 200 4.12 4.85 -6.52
C GLU A 200 5.06 6.03 -6.82
N THR A 201 5.29 6.31 -8.09
CA THR A 201 6.40 7.18 -8.47
C THR A 201 6.34 8.59 -7.87
N THR A 202 5.15 9.24 -7.82
CA THR A 202 5.08 10.58 -7.24
C THR A 202 5.69 10.56 -5.84
N ALA A 203 5.37 9.54 -5.04
CA ALA A 203 5.87 9.49 -3.66
C ALA A 203 7.38 9.29 -3.60
N LEU A 204 7.89 8.35 -4.42
CA LEU A 204 9.33 8.10 -4.42
C LEU A 204 10.08 9.37 -4.81
N TYR A 205 9.65 10.00 -5.89
CA TYR A 205 10.40 11.14 -6.40
C TYR A 205 10.33 12.34 -5.47
N THR A 206 9.15 12.58 -4.89
CA THR A 206 8.97 13.72 -4.01
C THR A 206 9.81 13.49 -2.75
N LEU A 207 9.65 12.32 -2.13
CA LEU A 207 10.37 12.06 -0.86
C LEU A 207 11.87 12.06 -1.03
N ALA A 208 12.37 11.42 -2.12
CA ALA A 208 13.82 11.43 -2.36
C ALA A 208 14.33 12.86 -2.51
N ALA A 209 13.62 13.69 -3.29
CA ALA A 209 14.08 15.07 -3.50
C ALA A 209 14.04 15.91 -2.23
N LYS A 210 12.99 15.77 -1.44
CA LYS A 210 12.84 16.51 -0.19
C LYS A 210 14.01 16.21 0.75
N HIS A 211 14.57 15.00 0.66
CA HIS A 211 15.66 14.57 1.54
C HIS A 211 17.02 14.55 0.88
N GLY A 212 17.10 15.08 -0.33
CA GLY A 212 18.35 15.20 -1.07
C GLY A 212 18.96 13.88 -1.49
N ARG A 213 18.11 12.89 -1.75
CA ARG A 213 18.56 11.56 -2.19
C ARG A 213 18.23 11.40 -3.66
N LYS A 214 18.76 10.35 -4.28
CA LYS A 214 18.63 10.21 -5.74
C LYS A 214 17.59 9.12 -6.08
N ALA A 215 16.59 9.42 -6.90
CA ALA A 215 15.62 8.41 -7.25
C ALA A 215 15.35 8.29 -8.74
N LEU A 216 14.91 7.09 -9.12
CA LEU A 216 14.47 6.82 -10.48
C LEU A 216 13.44 5.71 -10.45
N SER A 217 12.47 5.76 -11.38
CA SER A 217 11.51 4.66 -11.57
C SER A 217 11.68 4.11 -12.96
N ILE A 218 11.87 2.80 -13.01
CA ILE A 218 11.98 2.05 -14.25
C ILE A 218 10.74 1.16 -14.25
N LEU A 219 9.99 1.18 -15.35
CA LEU A 219 8.70 0.52 -15.36
C LEU A 219 8.54 -0.37 -16.56
N THR A 220 8.09 -1.58 -16.33
CA THR A 220 7.69 -2.41 -17.47
C THR A 220 6.18 -2.25 -17.67
N VAL A 221 5.69 -2.67 -18.80
CA VAL A 221 4.26 -2.53 -19.06
C VAL A 221 3.54 -3.85 -18.76
N SER A 222 2.62 -3.83 -17.81
CA SER A 222 1.96 -5.08 -17.36
C SER A 222 0.84 -5.44 -18.33
N ASP A 223 0.31 -4.42 -18.98
CA ASP A 223 -0.85 -4.58 -19.86
C ASP A 223 -1.11 -3.23 -20.51
N HIS A 224 -1.88 -3.26 -21.60
CA HIS A 224 -2.28 -2.03 -22.24
C HIS A 224 -3.69 -1.68 -21.89
N VAL A 225 -3.86 -0.58 -21.14
CA VAL A 225 -5.14 -0.19 -20.61
C VAL A 225 -6.09 0.23 -21.74
N LEU A 226 -5.50 0.84 -22.77
CA LEU A 226 -6.26 1.41 -23.88
C LEU A 226 -6.62 0.31 -24.88
N THR A 227 -5.60 -0.41 -25.39
CA THR A 227 -5.81 -1.42 -26.44
CA THR A 227 -5.81 -1.42 -26.44
C THR A 227 -6.25 -2.77 -25.88
N GLY A 228 -5.98 -3.03 -24.61
CA GLY A 228 -6.35 -4.30 -23.96
C GLY A 228 -5.31 -5.38 -24.23
N GLU A 229 -4.27 -5.03 -24.97
CA GLU A 229 -3.19 -5.98 -25.20
C GLU A 229 -2.55 -6.49 -23.93
N GLU A 230 -2.27 -7.79 -23.93
CA GLU A 230 -1.68 -8.45 -22.79
C GLU A 230 -0.30 -8.93 -23.17
N THR A 231 0.52 -9.17 -22.17
CA THR A 231 1.90 -9.59 -22.41
C THR A 231 1.95 -11.08 -22.69
N THR A 232 3.04 -11.49 -23.33
CA THR A 232 3.35 -12.92 -23.48
C THR A 232 4.44 -13.29 -22.47
N ALA A 233 4.67 -14.58 -22.31
CA ALA A 233 5.76 -15.06 -21.43
C ALA A 233 7.12 -14.44 -21.76
N GLU A 234 7.49 -14.42 -23.04
CA GLU A 234 8.80 -13.88 -23.43
C GLU A 234 8.91 -12.40 -23.10
N GLU A 235 7.81 -11.67 -23.31
CA GLU A 235 7.78 -10.21 -23.02
C GLU A 235 7.98 -9.96 -21.52
N ARG A 236 7.26 -10.70 -20.69
CA ARG A 236 7.35 -10.60 -19.22
C ARG A 236 8.76 -10.91 -18.71
N GLN A 237 9.33 -11.99 -19.22
CA GLN A 237 10.67 -12.39 -18.85
C GLN A 237 11.68 -11.35 -19.34
N THR A 238 11.61 -10.97 -20.61
CA THR A 238 12.62 -10.12 -21.22
C THR A 238 12.56 -8.73 -20.61
N THR A 239 11.35 -8.21 -20.48
CA THR A 239 11.24 -6.85 -19.92
C THR A 239 11.68 -6.83 -18.47
N PHE A 240 11.30 -7.84 -17.71
CA PHE A 240 11.73 -7.88 -16.27
C PHE A 240 13.25 -7.97 -16.14
N HIS A 241 13.86 -8.93 -16.83
CA HIS A 241 15.30 -9.02 -16.81
C HIS A 241 16.00 -7.74 -17.26
N ASP A 242 15.52 -7.13 -18.35
CA ASP A 242 16.16 -5.90 -18.84
C ASP A 242 15.99 -4.76 -17.83
N MET A 243 14.83 -4.70 -17.17
CA MET A 243 14.60 -3.69 -16.16
C MET A 243 15.62 -3.83 -15.01
N ILE A 244 15.83 -5.06 -14.55
CA ILE A 244 16.73 -5.25 -13.39
C ILE A 244 18.19 -4.96 -13.80
N ASP A 245 18.53 -5.43 -15.00
CA ASP A 245 19.85 -5.18 -15.56
C ASP A 245 20.17 -3.68 -15.63
N VAL A 246 19.24 -2.91 -16.18
CA VAL A 246 19.38 -1.47 -16.27
C VAL A 246 19.48 -0.86 -14.87
N ALA A 247 18.61 -1.26 -13.97
CA ALA A 247 18.61 -0.73 -12.61
C ALA A 247 19.97 -0.93 -11.98
N LEU A 248 20.52 -2.13 -12.14
CA LEU A 248 21.79 -2.47 -11.47
C LEU A 248 22.98 -1.72 -12.10
N HIS A 249 22.71 -1.04 -13.23
CA HIS A 249 23.70 -0.13 -13.89
C HIS A 249 23.31 1.35 -13.86
N SER A 250 22.41 1.76 -12.97
CA SER A 250 21.98 3.15 -12.90
C SER A 250 22.85 4.08 -11.99
N VAL A 251 23.42 3.50 -10.95
CA VAL A 251 24.25 4.26 -10.00
C VAL A 251 25.70 4.36 -10.52
N SER A 252 26.32 5.52 -10.31
CA SER A 252 27.75 5.76 -10.61
C SER A 252 28.07 5.81 -12.10
N SER B 22 -10.21 -10.98 -10.30
CA SER B 22 -9.33 -10.20 -9.39
C SER B 22 -7.90 -10.30 -9.88
N VAL B 23 -7.38 -9.18 -10.36
CA VAL B 23 -5.98 -9.02 -10.67
C VAL B 23 -5.07 -9.30 -9.44
N HIS B 24 -5.53 -8.97 -8.25
CA HIS B 24 -4.65 -9.06 -7.06
C HIS B 24 -5.01 -10.17 -6.07
N ILE B 25 -6.05 -10.93 -6.36
CA ILE B 25 -6.47 -12.02 -5.49
C ILE B 25 -6.54 -13.27 -6.37
N GLY B 26 -5.73 -14.26 -6.04
CA GLY B 26 -5.59 -15.49 -6.86
C GLY B 26 -6.59 -16.58 -6.51
N ALA B 27 -7.82 -16.19 -6.23
CA ALA B 27 -8.82 -17.13 -5.78
C ALA B 27 -9.88 -17.35 -6.87
N GLU B 28 -10.63 -18.44 -6.74
CA GLU B 28 -11.73 -18.71 -7.67
C GLU B 28 -12.98 -18.21 -7.00
N LYS B 29 -13.99 -17.87 -7.78
CA LYS B 29 -15.22 -17.40 -7.15
C LYS B 29 -15.67 -18.53 -6.22
N GLY B 30 -16.21 -18.18 -5.07
CA GLY B 30 -16.68 -19.18 -4.13
C GLY B 30 -15.72 -19.45 -2.98
N GLN B 31 -14.45 -19.12 -3.16
CA GLN B 31 -13.44 -19.44 -2.12
C GLN B 31 -13.40 -18.45 -0.96
N ILE B 32 -14.06 -17.31 -1.15
CA ILE B 32 -14.08 -16.26 -0.12
C ILE B 32 -15.48 -16.18 0.47
N ALA B 33 -15.57 -16.11 1.80
CA ALA B 33 -16.87 -16.04 2.50
C ALA B 33 -17.58 -14.71 2.32
N ASP B 34 -18.89 -14.68 2.66
CA ASP B 34 -19.70 -13.44 2.61
C ASP B 34 -19.25 -12.42 3.62
N THR B 35 -18.56 -12.89 4.65
CA THR B 35 -18.07 -12.05 5.77
C THR B 35 -16.55 -12.14 5.79
N VAL B 36 -15.88 -10.98 5.74
CA VAL B 36 -14.42 -10.96 5.65
CA VAL B 36 -14.42 -10.97 5.65
C VAL B 36 -13.85 -10.01 6.70
N LEU B 37 -12.86 -10.48 7.46
CA LEU B 37 -12.10 -9.59 8.38
C LEU B 37 -10.90 -9.08 7.61
N LEU B 38 -10.53 -7.83 7.86
CA LEU B 38 -9.59 -7.07 7.01
C LEU B 38 -8.48 -6.39 7.84
N PRO B 39 -7.49 -7.18 8.28
CA PRO B 39 -6.31 -6.51 8.84
C PRO B 39 -5.42 -5.95 7.74
N GLY B 40 -4.61 -4.93 8.07
CA GLY B 40 -3.68 -4.40 7.09
C GLY B 40 -2.50 -5.34 6.86
N ASP B 41 -2.14 -6.10 7.89
CA ASP B 41 -0.96 -6.96 7.91
C ASP B 41 -1.35 -8.39 7.50
N PRO B 42 -0.81 -8.90 6.35
CA PRO B 42 -1.15 -10.28 5.95
C PRO B 42 -0.66 -11.29 6.99
N LEU B 43 0.37 -10.96 7.77
CA LEU B 43 0.82 -11.88 8.82
C LEU B 43 -0.14 -11.93 10.01
N ARG B 44 -0.83 -10.81 10.26
CA ARG B 44 -1.93 -10.81 11.21
C ARG B 44 -3.11 -11.62 10.65
N ALA B 45 -3.38 -11.51 9.34
CA ALA B 45 -4.43 -12.34 8.73
C ALA B 45 -4.15 -13.84 9.00
N LYS B 46 -2.90 -14.24 8.79
CA LYS B 46 -2.46 -15.60 9.04
C LYS B 46 -2.62 -15.94 10.53
N PHE B 47 -2.20 -15.06 11.43
CA PHE B 47 -2.34 -15.31 12.85
C PHE B 47 -3.82 -15.49 13.22
N ILE B 48 -4.68 -14.60 12.72
CA ILE B 48 -6.08 -14.66 13.05
C ILE B 48 -6.68 -15.98 12.57
N ALA B 49 -6.39 -16.33 11.32
CA ALA B 49 -6.99 -17.50 10.70
C ALA B 49 -6.57 -18.76 11.45
N GLU B 50 -5.28 -18.88 11.73
CA GLU B 50 -4.74 -20.08 12.39
C GLU B 50 -5.09 -20.15 13.88
N THR B 51 -5.37 -19.00 14.49
CA THR B 51 -5.60 -18.97 15.92
C THR B 51 -7.10 -19.10 16.27
N TYR B 52 -7.98 -18.62 15.38
CA TYR B 52 -9.41 -18.50 15.72
C TYR B 52 -10.33 -19.33 14.86
N LEU B 53 -9.89 -19.72 13.66
CA LEU B 53 -10.75 -20.43 12.70
C LEU B 53 -10.47 -21.94 12.60
N GLU B 54 -11.48 -22.71 12.19
CA GLU B 54 -11.31 -24.14 11.98
C GLU B 54 -11.28 -24.39 10.49
N ASN B 55 -10.69 -25.52 10.12
CA ASN B 55 -10.56 -25.97 8.73
C ASN B 55 -10.19 -24.82 7.77
N VAL B 56 -9.07 -24.21 8.09
CA VAL B 56 -8.52 -23.07 7.35
C VAL B 56 -7.93 -23.51 5.99
N GLU B 57 -8.34 -22.81 4.93
CA GLU B 57 -7.70 -22.92 3.63
C GLU B 57 -7.12 -21.54 3.26
N CYS B 58 -5.94 -21.52 2.66
CA CYS B 58 -5.37 -20.27 2.14
C CYS B 58 -5.75 -20.13 0.68
N TYR B 59 -6.52 -19.09 0.35
CA TYR B 59 -6.99 -18.96 -1.06
C TYR B 59 -6.18 -17.94 -1.87
N ASN B 60 -5.30 -17.21 -1.20
CA ASN B 60 -4.49 -16.21 -1.91
C ASN B 60 -3.12 -16.04 -1.36
N GLU B 61 -2.12 -16.11 -2.25
CA GLU B 61 -0.74 -15.76 -1.88
C GLU B 61 -0.16 -14.70 -2.80
N VAL B 62 -0.97 -14.17 -3.70
CA VAL B 62 -0.45 -13.17 -4.67
C VAL B 62 0.10 -11.96 -3.88
N ARG B 63 1.32 -11.51 -4.26
CA ARG B 63 2.03 -10.40 -3.61
C ARG B 63 2.25 -10.64 -2.12
N GLY B 64 2.09 -11.91 -1.71
CA GLY B 64 2.27 -12.22 -0.29
C GLY B 64 1.12 -11.68 0.55
N MET B 65 0.03 -11.25 -0.09
CA MET B 65 -1.05 -10.66 0.67
C MET B 65 -2.11 -11.69 1.01
N TYR B 66 -1.77 -12.48 2.05
CA TYR B 66 -2.55 -13.68 2.40
C TYR B 66 -4.02 -13.46 2.64
N GLY B 67 -4.78 -14.41 2.12
CA GLY B 67 -6.20 -14.46 2.40
C GLY B 67 -6.59 -15.90 2.74
N PHE B 68 -7.45 -16.02 3.75
CA PHE B 68 -7.79 -17.37 4.29
C PHE B 68 -9.29 -17.51 4.45
N THR B 69 -9.76 -18.75 4.40
CA THR B 69 -11.17 -18.99 4.68
C THR B 69 -11.25 -20.16 5.66
N GLY B 70 -12.15 -20.04 6.64
CA GLY B 70 -12.37 -21.11 7.62
C GLY B 70 -13.70 -20.86 8.29
N THR B 71 -13.93 -21.55 9.40
CA THR B 71 -15.18 -21.48 10.13
CA THR B 71 -15.19 -21.38 10.13
C THR B 71 -14.97 -21.00 11.58
N TYR B 72 -15.92 -20.23 12.09
CA TYR B 72 -15.89 -19.83 13.49
C TYR B 72 -17.24 -20.23 14.05
N LYS B 73 -17.27 -21.25 14.91
CA LYS B 73 -18.54 -21.76 15.47
C LYS B 73 -19.57 -22.06 14.42
N GLY B 74 -19.15 -22.69 13.33
CA GLY B 74 -20.06 -23.08 12.27
C GLY B 74 -20.32 -22.04 11.17
N LYS B 75 -19.87 -20.81 11.36
CA LYS B 75 -20.05 -19.81 10.32
C LYS B 75 -18.78 -19.58 9.51
N LYS B 76 -18.93 -19.55 8.20
CA LYS B 76 -17.79 -19.33 7.31
C LYS B 76 -17.31 -17.89 7.42
N ILE B 77 -15.99 -17.70 7.53
CA ILE B 77 -15.36 -16.40 7.77
C ILE B 77 -14.10 -16.40 6.90
N SER B 78 -13.84 -15.30 6.19
CA SER B 78 -12.56 -15.12 5.52
C SER B 78 -11.78 -14.01 6.24
N VAL B 79 -10.45 -14.02 6.05
CA VAL B 79 -9.55 -13.04 6.66
C VAL B 79 -8.56 -12.72 5.55
N GLN B 80 -8.56 -11.44 5.13
CA GLN B 80 -7.80 -10.96 3.96
C GLN B 80 -6.91 -9.76 4.38
N GLY B 81 -5.59 -9.91 4.22
CA GLY B 81 -4.69 -8.77 4.34
C GLY B 81 -5.02 -7.68 3.34
N THR B 82 -4.90 -6.42 3.75
CA THR B 82 -5.25 -5.32 2.81
C THR B 82 -4.07 -4.47 2.39
N GLY B 83 -2.95 -4.62 3.09
CA GLY B 83 -1.85 -3.65 2.91
C GLY B 83 -2.22 -2.36 3.63
N MET B 84 -1.29 -1.38 3.55
CA MET B 84 -1.45 -0.10 4.22
C MET B 84 -1.82 1.00 3.28
N GLY B 85 -2.75 1.83 3.72
CA GLY B 85 -3.13 3.01 2.93
C GLY B 85 -4.35 2.84 2.04
N VAL B 86 -4.99 3.97 1.78
CA VAL B 86 -6.23 4.00 0.99
C VAL B 86 -6.07 3.26 -0.35
N PRO B 87 -4.96 3.49 -1.09
CA PRO B 87 -4.91 2.82 -2.40
C PRO B 87 -4.83 1.30 -2.34
N SER B 88 -4.10 0.79 -1.36
CA SER B 88 -3.92 -0.65 -1.18
C SER B 88 -5.24 -1.28 -0.75
N ILE B 89 -5.84 -0.76 0.30
CA ILE B 89 -7.11 -1.32 0.77
C ILE B 89 -8.20 -1.19 -0.34
N SER B 90 -8.15 -0.12 -1.12
CA SER B 90 -9.15 0.05 -2.18
C SER B 90 -9.07 -1.05 -3.20
N ILE B 91 -7.85 -1.47 -3.50
CA ILE B 91 -7.68 -2.57 -4.49
C ILE B 91 -8.39 -3.82 -3.93
N TYR B 92 -8.03 -4.21 -2.72
CA TYR B 92 -8.55 -5.46 -2.13
C TYR B 92 -10.06 -5.44 -1.90
N VAL B 93 -10.60 -4.30 -1.40
CA VAL B 93 -12.00 -4.16 -1.12
C VAL B 93 -12.78 -4.14 -2.43
N ASN B 94 -12.30 -3.41 -3.43
CA ASN B 94 -13.00 -3.48 -4.72
C ASN B 94 -13.09 -4.91 -5.27
N GLU B 95 -11.98 -5.65 -5.18
CA GLU B 95 -11.98 -7.03 -5.70
C GLU B 95 -12.90 -7.94 -4.89
N LEU B 96 -12.83 -7.84 -3.56
CA LEU B 96 -13.71 -8.63 -2.72
C LEU B 96 -15.18 -8.38 -3.01
N ILE B 97 -15.55 -7.11 -3.18
CA ILE B 97 -16.96 -6.78 -3.46
C ILE B 97 -17.36 -7.18 -4.87
N GLN B 98 -16.58 -6.78 -5.87
CA GLN B 98 -17.03 -6.85 -7.25
C GLN B 98 -16.84 -8.24 -7.86
N SER B 99 -15.75 -8.93 -7.50
CA SER B 99 -15.43 -10.27 -8.01
C SER B 99 -15.90 -11.42 -7.11
N TYR B 100 -15.91 -11.21 -5.80
CA TYR B 100 -16.25 -12.26 -4.83
C TYR B 100 -17.55 -12.06 -4.08
N ASP B 101 -18.27 -11.00 -4.37
CA ASP B 101 -19.62 -10.78 -3.80
C ASP B 101 -19.63 -10.74 -2.26
N VAL B 102 -18.56 -10.22 -1.67
CA VAL B 102 -18.49 -10.06 -0.25
C VAL B 102 -19.52 -9.05 0.27
N GLN B 103 -20.18 -9.40 1.38
CA GLN B 103 -21.32 -8.63 1.93
C GLN B 103 -21.00 -7.82 3.18
N ASN B 104 -20.17 -8.38 4.06
CA ASN B 104 -19.83 -7.78 5.35
C ASN B 104 -18.32 -7.71 5.44
N LEU B 105 -17.82 -6.50 5.66
CA LEU B 105 -16.39 -6.28 5.67
C LEU B 105 -16.00 -5.58 6.98
N ILE B 106 -15.19 -6.27 7.80
CA ILE B 106 -14.83 -5.74 9.10
C ILE B 106 -13.32 -5.56 9.19
N ARG B 107 -12.88 -4.30 9.20
CA ARG B 107 -11.46 -4.05 9.30
C ARG B 107 -11.11 -4.32 10.77
N VAL B 108 -9.98 -4.99 10.99
CA VAL B 108 -9.46 -5.25 12.33
C VAL B 108 -8.03 -4.69 12.29
N GLY B 109 -7.89 -3.40 12.62
CA GLY B 109 -6.62 -2.72 12.36
C GLY B 109 -6.03 -2.12 13.60
N SER B 110 -5.02 -1.28 13.40
CA SER B 110 -4.40 -0.59 14.50
C SER B 110 -4.55 0.91 14.24
N CYS B 111 -4.32 1.70 15.27
CA CYS B 111 -4.30 3.15 15.12
C CYS B 111 -3.42 3.82 16.17
N GLY B 112 -2.99 5.02 15.86
CA GLY B 112 -2.18 5.82 16.81
C GLY B 112 -3.11 6.76 17.55
N ALA B 113 -3.07 6.76 18.89
CA ALA B 113 -3.92 7.66 19.71
C ALA B 113 -3.47 9.09 19.57
N ILE B 114 -4.41 10.00 19.39
CA ILE B 114 -4.06 11.42 19.29
C ILE B 114 -4.67 12.28 20.40
N ARG B 115 -5.31 11.62 21.35
CA ARG B 115 -5.94 12.27 22.51
C ARG B 115 -5.40 11.66 23.78
N LYS B 116 -5.21 12.49 24.80
CA LYS B 116 -4.75 12.01 26.09
C LYS B 116 -5.63 10.89 26.68
N ASP B 117 -6.95 11.02 26.58
CA ASP B 117 -7.85 10.02 27.19
C ASP B 117 -7.91 8.68 26.45
N VAL B 118 -7.34 8.62 25.27
CA VAL B 118 -7.27 7.35 24.52
C VAL B 118 -5.96 6.62 24.90
N LYS B 119 -6.06 5.36 25.32
CA LYS B 119 -4.88 4.62 25.76
C LYS B 119 -4.47 3.49 24.83
N VAL B 120 -3.17 3.16 24.88
CA VAL B 120 -2.66 2.02 24.16
C VAL B 120 -3.43 0.76 24.55
N ARG B 121 -3.75 -0.05 23.51
CA ARG B 121 -4.56 -1.28 23.59
C ARG B 121 -6.08 -1.07 23.75
N ASP B 122 -6.53 0.20 23.80
CA ASP B 122 -7.97 0.48 23.76
C ASP B 122 -8.53 -0.03 22.44
N VAL B 123 -9.75 -0.56 22.48
CA VAL B 123 -10.45 -0.94 21.25
C VAL B 123 -11.48 0.14 20.89
N ILE B 124 -11.41 0.57 19.64
CA ILE B 124 -12.22 1.68 19.12
C ILE B 124 -13.13 1.14 18.03
N LEU B 125 -14.39 1.55 18.08
CA LEU B 125 -15.31 1.26 16.95
C LEU B 125 -15.53 2.55 16.19
N ALA B 126 -15.11 2.60 14.92
CA ALA B 126 -15.16 3.87 14.20
C ALA B 126 -16.52 4.14 13.58
N MET B 127 -17.16 5.21 14.02
CA MET B 127 -18.43 5.62 13.40
C MET B 127 -18.20 6.20 12.00
N THR B 128 -17.09 6.90 11.86
CA THR B 128 -16.78 7.61 10.62
C THR B 128 -15.30 7.95 10.66
N SER B 129 -14.78 8.51 9.57
CA SER B 129 -13.37 8.88 9.48
CA SER B 129 -13.38 8.88 9.49
C SER B 129 -13.21 10.12 8.62
N SER B 130 -12.36 11.02 9.09
CA SER B 130 -11.87 12.12 8.28
C SER B 130 -10.67 11.64 7.46
N THR B 131 -10.17 12.45 6.54
CA THR B 131 -9.04 11.98 5.74
C THR B 131 -8.31 13.12 5.06
N ASP B 132 -7.04 12.91 4.71
CA ASP B 132 -6.42 13.80 3.74
C ASP B 132 -6.20 13.09 2.42
N SER B 133 -6.78 11.89 2.22
CA SER B 133 -6.84 11.28 0.87
C SER B 133 -7.71 12.18 -0.01
N GLN B 134 -7.37 12.24 -1.30
CA GLN B 134 -8.18 12.97 -2.25
C GLN B 134 -9.29 12.09 -2.85
N MET B 135 -9.46 10.86 -2.36
CA MET B 135 -10.29 9.91 -3.10
C MET B 135 -11.73 10.42 -3.24
N ASN B 136 -12.24 11.07 -2.20
CA ASN B 136 -13.61 11.52 -2.32
C ASN B 136 -13.76 12.86 -3.01
N ARG B 137 -12.76 13.73 -2.89
CA ARG B 137 -12.77 14.93 -3.72
C ARG B 137 -12.67 14.61 -5.19
N VAL B 138 -11.95 13.54 -5.52
CA VAL B 138 -11.95 13.12 -6.93
C VAL B 138 -13.36 12.82 -7.47
N ALA B 139 -14.20 12.22 -6.62
CA ALA B 139 -15.58 11.86 -6.99
C ALA B 139 -16.57 13.01 -6.86
N PHE B 140 -16.41 13.86 -5.84
CA PHE B 140 -17.41 14.88 -5.43
C PHE B 140 -16.98 16.36 -5.54
N GLY B 141 -15.73 16.62 -5.86
CA GLY B 141 -15.25 18.02 -5.96
C GLY B 141 -15.50 18.82 -4.72
N SER B 142 -16.45 19.75 -4.81
CA SER B 142 -16.75 20.70 -3.74
C SER B 142 -17.40 20.07 -2.52
N VAL B 143 -17.87 18.84 -2.64
CA VAL B 143 -18.53 18.18 -1.50
C VAL B 143 -17.52 17.49 -0.60
N ASP B 144 -17.64 17.68 0.73
CA ASP B 144 -16.97 16.85 1.77
C ASP B 144 -17.83 15.61 2.02
N PHE B 145 -17.42 14.46 1.49
CA PHE B 145 -18.16 13.25 1.75
C PHE B 145 -17.72 12.65 3.08
N ALA B 146 -18.67 12.46 4.01
CA ALA B 146 -18.38 11.81 5.31
C ALA B 146 -18.76 10.33 5.24
N PRO B 147 -17.76 9.42 5.22
CA PRO B 147 -18.08 7.99 5.21
C PRO B 147 -18.79 7.57 6.51
N CYS B 148 -19.53 6.46 6.46
CA CYS B 148 -20.37 6.12 7.59
C CYS B 148 -20.29 4.60 7.79
N ALA B 149 -19.99 4.17 9.02
CA ALA B 149 -20.05 2.74 9.37
C ALA B 149 -21.46 2.21 9.16
N ASP B 150 -21.58 0.92 8.86
CA ASP B 150 -22.91 0.28 8.89
C ASP B 150 -23.39 0.19 10.33
N PHE B 151 -24.52 0.83 10.63
CA PHE B 151 -24.96 0.84 12.04
C PHE B 151 -25.23 -0.56 12.61
N GLU B 152 -25.83 -1.45 11.83
CA GLU B 152 -26.08 -2.81 12.30
C GLU B 152 -24.78 -3.53 12.72
N LEU B 153 -23.73 -3.41 11.92
CA LEU B 153 -22.48 -4.04 12.28
C LEU B 153 -21.90 -3.40 13.52
N LEU B 154 -22.00 -2.07 13.58
CA LEU B 154 -21.42 -1.35 14.71
CA LEU B 154 -21.48 -1.29 14.71
C LEU B 154 -22.17 -1.72 16.00
N LYS B 155 -23.51 -1.75 15.95
CA LYS B 155 -24.30 -2.16 17.11
C LYS B 155 -23.98 -3.58 17.55
N ASN B 156 -23.83 -4.48 16.57
CA ASN B 156 -23.50 -5.87 16.87
C ASN B 156 -22.14 -5.96 17.54
N ALA B 157 -21.19 -5.17 17.07
CA ALA B 157 -19.88 -5.11 17.73
C ALA B 157 -19.96 -4.56 19.15
N TYR B 158 -20.71 -3.48 19.33
CA TYR B 158 -20.87 -2.88 20.64
C TYR B 158 -21.49 -3.92 21.62
N ASP B 159 -22.48 -4.68 21.15
CA ASP B 159 -23.12 -5.68 22.02
C ASP B 159 -22.19 -6.82 22.27
N ALA B 160 -21.39 -7.19 21.26
CA ALA B 160 -20.41 -8.26 21.42
C ALA B 160 -19.35 -7.91 22.44
N ALA B 161 -18.88 -6.65 22.41
CA ALA B 161 -17.93 -6.17 23.40
C ALA B 161 -18.48 -6.26 24.84
N LYS B 162 -19.76 -5.92 25.04
CA LYS B 162 -20.38 -6.08 26.34
C LYS B 162 -20.39 -7.55 26.77
N ASP B 163 -20.84 -8.43 25.86
CA ASP B 163 -20.86 -9.89 26.10
C ASP B 163 -19.49 -10.44 26.51
N LYS B 164 -18.41 -9.90 25.93
CA LYS B 164 -17.06 -10.47 26.07
C LYS B 164 -16.25 -9.72 27.10
N GLY B 165 -16.85 -8.68 27.66
CA GLY B 165 -16.18 -7.90 28.66
C GLY B 165 -15.04 -7.06 28.14
N VAL B 166 -15.17 -6.59 26.89
CA VAL B 166 -14.12 -5.74 26.29
C VAL B 166 -14.57 -4.29 26.25
N PRO B 167 -13.89 -3.40 26.99
CA PRO B 167 -14.36 -2.01 26.88
C PRO B 167 -14.12 -1.51 25.45
N VAL B 168 -15.07 -0.74 24.94
CA VAL B 168 -14.91 -0.08 23.66
C VAL B 168 -15.14 1.44 23.72
N THR B 169 -14.49 2.15 22.81
CA THR B 169 -14.68 3.59 22.63
C THR B 169 -15.27 3.75 21.23
N VAL B 170 -16.36 4.49 21.13
CA VAL B 170 -17.05 4.69 19.86
C VAL B 170 -16.92 6.16 19.43
N GLY B 171 -16.38 6.35 18.24
CA GLY B 171 -16.18 7.72 17.77
C GLY B 171 -15.53 7.74 16.43
N SER B 172 -14.85 8.84 16.14
CA SER B 172 -14.28 8.98 14.79
C SER B 172 -12.75 8.87 14.78
N VAL B 173 -12.24 8.52 13.62
CA VAL B 173 -10.77 8.39 13.36
C VAL B 173 -10.37 9.24 12.12
N PHE B 174 -9.07 9.32 11.86
CA PHE B 174 -8.52 10.06 10.73
C PHE B 174 -7.73 9.08 9.91
N THR B 175 -8.10 8.97 8.62
CA THR B 175 -7.43 8.16 7.65
C THR B 175 -6.37 9.00 6.96
N ALA B 176 -5.13 8.70 7.32
CA ALA B 176 -3.95 9.44 6.80
C ALA B 176 -3.36 8.79 5.56
N ASP B 177 -2.90 9.63 4.63
CA ASP B 177 -2.08 9.15 3.52
C ASP B 177 -0.60 9.11 3.95
N GLN B 178 -0.21 10.03 4.84
CA GLN B 178 1.20 10.14 5.22
C GLN B 178 1.42 9.80 6.68
N PHE B 179 1.95 8.61 6.90
CA PHE B 179 2.31 8.18 8.22
C PHE B 179 3.33 9.16 8.83
N TYR B 180 4.27 9.62 8.01
CA TYR B 180 5.28 10.62 8.38
C TYR B 180 4.83 11.87 7.64
N ASN B 181 4.14 12.74 8.35
CA ASN B 181 3.60 13.92 7.69
C ASN B 181 4.12 15.21 8.31
N ASP B 182 4.94 15.94 7.54
CA ASP B 182 5.47 17.23 8.00
C ASP B 182 4.37 18.28 8.18
N ASP B 183 3.20 18.04 7.58
CA ASP B 183 2.11 19.01 7.61
C ASP B 183 0.91 18.45 8.38
N SER B 184 1.19 17.61 9.37
CA SER B 184 0.14 16.92 10.14
C SER B 184 -0.77 17.91 10.88
N GLN B 185 -2.09 17.68 10.83
CA GLN B 185 -3.05 18.49 11.57
C GLN B 185 -3.67 17.67 12.71
N ILE B 186 -2.92 16.69 13.21
CA ILE B 186 -3.45 15.86 14.33
C ILE B 186 -3.84 16.68 15.57
N GLU B 187 -3.14 17.79 15.81
CA GLU B 187 -3.46 18.58 16.99
C GLU B 187 -4.87 19.16 16.83
N LYS B 188 -5.17 19.75 15.66
CA LYS B 188 -6.51 20.30 15.42
C LYS B 188 -7.53 19.18 15.33
N LEU B 189 -7.13 18.06 14.72
CA LEU B 189 -8.11 16.97 14.64
C LEU B 189 -8.52 16.46 16.04
N ALA B 190 -7.54 16.32 16.93
CA ALA B 190 -7.82 15.89 18.29
C ALA B 190 -8.73 16.88 19.01
N LYS B 191 -8.56 18.18 18.74
CA LYS B 191 -9.36 19.22 19.41
C LYS B 191 -10.80 19.06 18.91
N TYR B 192 -10.94 18.60 17.67
CA TYR B 192 -12.29 18.36 17.11
C TYR B 192 -12.86 17.00 17.50
N GLY B 193 -12.18 16.26 18.41
CA GLY B 193 -12.73 15.03 18.97
C GLY B 193 -12.23 13.74 18.35
N VAL B 194 -11.44 13.85 17.27
CA VAL B 194 -10.92 12.65 16.59
C VAL B 194 -10.03 11.83 17.50
N LEU B 195 -10.23 10.52 17.53
CA LEU B 195 -9.58 9.67 18.55
C LEU B 195 -8.15 9.23 18.19
N GLY B 196 -7.95 8.97 16.91
CA GLY B 196 -6.75 8.26 16.49
C GLY B 196 -6.53 8.38 14.99
N VAL B 197 -5.30 8.04 14.60
CA VAL B 197 -4.89 8.07 13.19
CA VAL B 197 -4.90 8.07 13.19
C VAL B 197 -4.61 6.66 12.67
N GLU B 198 -5.20 6.35 11.51
CA GLU B 198 -4.98 5.08 10.89
C GLU B 198 -4.92 5.34 9.38
N MET B 199 -4.93 4.30 8.54
CA MET B 199 -4.64 4.53 7.13
C MET B 199 -5.58 3.91 6.12
N GLU B 200 -6.77 3.46 6.55
CA GLU B 200 -7.61 2.63 5.68
C GLU B 200 -9.12 2.89 5.69
N THR B 201 -9.64 3.38 6.82
CA THR B 201 -11.09 3.37 7.08
C THR B 201 -11.93 4.16 6.08
N THR B 202 -11.45 5.34 5.68
CA THR B 202 -12.20 6.13 4.74
C THR B 202 -12.48 5.30 3.50
N ALA B 203 -11.47 4.57 3.00
CA ALA B 203 -11.64 3.78 1.76
C ALA B 203 -12.67 2.65 1.96
N LEU B 204 -12.55 1.93 3.07
CA LEU B 204 -13.43 0.83 3.35
C LEU B 204 -14.87 1.31 3.42
N TYR B 205 -15.11 2.35 4.21
CA TYR B 205 -16.47 2.81 4.41
C TYR B 205 -17.09 3.38 3.15
N THR B 206 -16.29 4.13 2.38
CA THR B 206 -16.79 4.72 1.16
C THR B 206 -17.12 3.63 0.15
N LEU B 207 -16.17 2.73 -0.10
CA LEU B 207 -16.40 1.67 -1.10
C LEU B 207 -17.53 0.74 -0.74
N ALA B 208 -17.63 0.37 0.55
CA ALA B 208 -18.75 -0.53 0.94
C ALA B 208 -20.10 0.13 0.69
N ALA B 209 -20.24 1.39 1.10
CA ALA B 209 -21.53 2.09 0.95
C ALA B 209 -21.90 2.26 -0.54
N LYS B 210 -20.92 2.64 -1.35
CA LYS B 210 -21.13 2.87 -2.79
C LYS B 210 -21.68 1.59 -3.42
N HIS B 211 -21.28 0.44 -2.91
CA HIS B 211 -21.69 -0.85 -3.46
C HIS B 211 -22.79 -1.56 -2.67
N GLY B 212 -23.41 -0.87 -1.71
CA GLY B 212 -24.50 -1.44 -0.92
C GLY B 212 -24.08 -2.59 -0.02
N ARG B 213 -22.83 -2.57 0.44
CA ARG B 213 -22.35 -3.60 1.38
C ARG B 213 -22.14 -2.97 2.76
N LYS B 214 -21.90 -3.81 3.76
CA LYS B 214 -21.86 -3.38 5.15
C LYS B 214 -20.42 -3.37 5.63
N ALA B 215 -19.96 -2.26 6.18
CA ALA B 215 -18.58 -2.23 6.67
C ALA B 215 -18.49 -1.68 8.08
N LEU B 216 -17.42 -2.10 8.77
CA LEU B 216 -17.10 -1.58 10.09
C LEU B 216 -15.60 -1.68 10.32
N SER B 217 -15.03 -0.66 10.96
CA SER B 217 -13.63 -0.71 11.39
CA SER B 217 -13.64 -0.71 11.36
C SER B 217 -13.55 -0.83 12.89
N ILE B 218 -12.94 -1.94 13.35
CA ILE B 218 -12.60 -2.14 14.75
C ILE B 218 -11.08 -1.93 14.87
N LEU B 219 -10.66 -1.04 15.75
CA LEU B 219 -9.23 -0.70 15.79
C LEU B 219 -8.67 -0.92 17.18
N THR B 220 -7.44 -1.39 17.26
CA THR B 220 -6.73 -1.41 18.55
C THR B 220 -5.69 -0.31 18.54
N VAL B 221 -5.62 0.49 19.61
CA VAL B 221 -4.58 1.53 19.69
C VAL B 221 -3.20 0.87 19.87
N SER B 222 -2.33 1.09 18.90
CA SER B 222 -1.02 0.37 18.89
C SER B 222 0.07 1.24 19.44
N ASP B 223 -0.19 2.53 19.53
CA ASP B 223 0.82 3.48 19.97
C ASP B 223 0.16 4.80 20.31
N HIS B 224 0.86 5.62 21.09
CA HIS B 224 0.28 6.89 21.46
C HIS B 224 1.13 8.01 20.87
N VAL B 225 0.51 8.81 20.02
CA VAL B 225 1.23 9.80 19.25
C VAL B 225 1.68 10.91 20.18
N LEU B 226 0.94 11.16 21.25
CA LEU B 226 1.34 12.23 22.17
C LEU B 226 2.43 11.81 23.17
N THR B 227 2.39 10.56 23.62
CA THR B 227 3.30 10.13 24.70
C THR B 227 4.52 9.41 24.14
N GLY B 228 4.37 8.86 22.94
CA GLY B 228 5.43 8.03 22.36
C GLY B 228 5.38 6.56 22.74
N GLU B 229 4.49 6.16 23.64
CA GLU B 229 4.33 4.73 23.96
C GLU B 229 4.07 3.95 22.68
N GLU B 230 4.67 2.77 22.55
CA GLU B 230 4.64 2.06 21.28
C GLU B 230 4.72 0.56 21.48
N THR B 231 3.74 -0.18 20.95
CA THR B 231 3.85 -1.64 20.88
C THR B 231 4.84 -2.06 19.78
N THR B 232 5.42 -3.26 19.94
CA THR B 232 6.37 -3.76 18.94
C THR B 232 5.64 -4.31 17.71
N ALA B 233 6.39 -4.52 16.60
CA ALA B 233 5.87 -5.16 15.39
C ALA B 233 5.22 -6.51 15.74
N GLU B 234 5.90 -7.27 16.61
CA GLU B 234 5.37 -8.57 17.01
C GLU B 234 4.08 -8.46 17.77
N GLU B 235 4.01 -7.48 18.69
CA GLU B 235 2.79 -7.27 19.47
C GLU B 235 1.63 -6.94 18.54
N ARG B 236 1.92 -6.17 17.49
CA ARG B 236 0.85 -5.77 16.57
C ARG B 236 0.38 -6.93 15.78
N GLN B 237 1.29 -7.86 15.50
CA GLN B 237 0.99 -9.00 14.66
C GLN B 237 0.18 -10.09 15.36
N THR B 238 0.41 -10.27 16.67
CA THR B 238 -0.09 -11.45 17.36
C THR B 238 -0.72 -11.21 18.74
N THR B 239 -0.87 -9.97 19.20
CA THR B 239 -1.40 -9.80 20.57
C THR B 239 -2.68 -8.97 20.70
N PHE B 240 -3.25 -8.51 19.59
CA PHE B 240 -4.49 -7.72 19.65
C PHE B 240 -5.69 -8.63 19.56
N HIS B 241 -5.83 -9.43 20.61
CA HIS B 241 -6.83 -10.48 20.68
C HIS B 241 -8.26 -9.91 20.94
N ASP B 242 -8.36 -8.85 21.77
CA ASP B 242 -9.68 -8.35 22.14
C ASP B 242 -10.47 -7.91 20.92
N MET B 243 -9.83 -7.25 19.96
CA MET B 243 -10.60 -6.77 18.81
C MET B 243 -11.09 -7.95 17.96
N ILE B 244 -10.33 -9.06 17.93
CA ILE B 244 -10.74 -10.22 17.14
C ILE B 244 -11.89 -10.91 17.85
N ASP B 245 -11.80 -11.00 19.17
CA ASP B 245 -12.91 -11.57 19.94
C ASP B 245 -14.22 -10.85 19.67
N VAL B 246 -14.17 -9.52 19.68
CA VAL B 246 -15.35 -8.68 19.42
C VAL B 246 -15.82 -8.89 17.99
N ALA B 247 -14.89 -8.84 17.04
CA ALA B 247 -15.25 -8.97 15.65
C ALA B 247 -15.97 -10.27 15.43
N LEU B 248 -15.36 -11.37 15.89
CA LEU B 248 -15.90 -12.71 15.60
C LEU B 248 -17.18 -12.96 16.35
N HIS B 249 -17.26 -12.50 17.60
CA HIS B 249 -18.49 -12.69 18.36
C HIS B 249 -19.64 -11.87 17.75
N SER B 250 -19.31 -10.72 17.17
CA SER B 250 -20.36 -9.85 16.60
C SER B 250 -21.00 -10.43 15.34
N VAL B 251 -20.36 -11.39 14.69
CA VAL B 251 -20.95 -11.90 13.45
C VAL B 251 -21.49 -13.33 13.59
N SER B 252 -21.46 -13.85 14.81
CA SER B 252 -21.81 -15.23 15.03
C SER B 252 -22.65 -15.40 16.29
#